data_7PGE
#
_entry.id   7PGE
#
_cell.length_a   65.489
_cell.length_b   75.538
_cell.length_c   91.510
_cell.angle_alpha   90.000
_cell.angle_beta   90.000
_cell.angle_gamma   90.000
#
_symmetry.space_group_name_H-M   'C 2 2 21'
#
loop_
_entity.id
_entity.type
_entity.pdbx_description
1 polymer 'Copper resistance protein B'
2 non-polymer (HYDROXYETHYLOXY)TRI(ETHYLOXY)OCTANE
3 non-polymer 'LAURYL DIMETHYLAMINE-N-OXIDE'
4 non-polymer 'THIOCYANATE ION'
5 water water
#
_entity_poly.entity_id   1
_entity_poly.type   'polypeptide(L)'
_entity_poly.pdbx_seq_one_letter_code
;GHAIHDSAINYLVLLDQLEWQRSDNTNNFSWSVNSWIGGDTDRIWLKSEGERSNGETEAAEAQLLWGHAVGPWWDLVAGV
RQDFRPASARTWAAVGFQGLALYNFESEITGFVSNGGKAALRLGGEYDVLLTNRLILQPSYEVNFYSQDDESRGRGRGLT
DTELGLRLRYEIRREFAPYIGVSWNQLYGKTSDMAKREGEKDHQVVFLAGARIWF
;
_entity_poly.pdbx_strand_id   B
#
# COMPACT_ATOMS: atom_id res chain seq x y z
N ILE A 9 8.34 14.51 -18.34
CA ILE A 9 8.01 14.16 -19.72
C ILE A 9 6.61 13.55 -19.74
N ASN A 10 6.45 12.36 -19.13
CA ASN A 10 5.14 11.82 -18.78
C ASN A 10 5.05 11.48 -17.30
N TYR A 11 3.86 11.07 -16.90
CA TYR A 11 3.55 10.81 -15.51
C TYR A 11 2.35 9.88 -15.45
N LEU A 12 2.19 9.25 -14.30
CA LEU A 12 0.96 8.53 -13.97
C LEU A 12 0.65 8.88 -12.53
N VAL A 13 -0.57 9.37 -12.31
CA VAL A 13 -1.15 9.53 -10.98
C VAL A 13 -2.09 8.34 -10.76
N LEU A 14 -1.73 7.47 -9.83
CA LEU A 14 -2.54 6.31 -9.49
C LEU A 14 -2.88 6.39 -8.00
N LEU A 15 -4.07 6.86 -7.69
CA LEU A 15 -4.62 6.77 -6.33
C LEU A 15 -5.30 5.40 -6.29
N ASP A 16 -4.47 4.39 -5.97
CA ASP A 16 -4.88 2.98 -6.12
C ASP A 16 -6.02 2.65 -5.17
N GLN A 17 -5.97 3.18 -3.95
CA GLN A 17 -7.02 2.98 -2.97
C GLN A 17 -7.28 4.32 -2.28
N LEU A 18 -8.52 4.82 -2.36
CA LEU A 18 -9.01 5.86 -1.45
C LEU A 18 -10.25 5.28 -0.80
N GLU A 19 -10.16 4.88 0.46
CA GLU A 19 -11.20 4.01 0.99
C GLU A 19 -11.46 4.31 2.45
N TRP A 20 -12.74 4.27 2.82
CA TRP A 20 -13.15 4.16 4.21
C TRP A 20 -13.22 2.69 4.62
N GLN A 21 -12.71 2.41 5.82
CA GLN A 21 -12.57 1.06 6.34
C GLN A 21 -13.37 0.93 7.63
N ARG A 22 -13.98 -0.23 7.81
CA ARG A 22 -14.84 -0.53 8.95
C ARG A 22 -14.48 -1.92 9.45
N SER A 23 -14.09 -2.03 10.71
CA SER A 23 -13.97 -3.36 11.31
C SER A 23 -14.59 -3.31 12.70
N ASP A 24 -14.02 -4.03 13.66
CA ASP A 24 -14.65 -4.16 14.97
C ASP A 24 -14.47 -2.85 15.74
N ASN A 25 -15.56 -2.08 15.86
CA ASN A 25 -15.57 -0.79 16.57
C ASN A 25 -14.48 0.17 16.08
N THR A 26 -13.85 -0.11 14.94
CA THR A 26 -12.93 0.86 14.36
C THR A 26 -13.49 1.39 13.04
N ASN A 27 -12.91 2.50 12.62
CA ASN A 27 -13.40 3.25 11.47
C ASN A 27 -12.30 4.22 11.09
N ASN A 28 -11.93 4.25 9.81
CA ASN A 28 -10.93 5.20 9.37
C ASN A 28 -11.14 5.53 7.90
N PHE A 29 -10.42 6.54 7.44
CA PHE A 29 -10.20 6.77 6.03
C PHE A 29 -8.74 6.43 5.74
N SER A 30 -8.54 5.58 4.74
CA SER A 30 -7.21 5.12 4.37
C SER A 30 -6.93 5.41 2.91
N TRP A 31 -5.64 5.45 2.57
CA TRP A 31 -5.23 5.72 1.20
C TRP A 31 -3.94 4.96 0.87
N SER A 32 -3.82 4.63 -0.42
CA SER A 32 -2.60 4.04 -0.99
C SER A 32 -2.44 4.59 -2.40
N VAL A 33 -1.38 5.36 -2.60
CA VAL A 33 -1.12 6.17 -3.76
C VAL A 33 0.24 5.79 -4.29
N ASN A 34 0.38 5.65 -5.61
CA ASN A 34 1.57 5.01 -6.14
C ASN A 34 1.75 5.59 -7.56
N SER A 35 2.49 6.70 -7.65
CA SER A 35 2.53 7.54 -8.84
C SER A 35 3.97 7.72 -9.29
N TRP A 36 4.15 8.14 -10.54
CA TRP A 36 5.50 8.32 -11.06
C TRP A 36 5.52 9.42 -12.11
N ILE A 37 6.73 9.92 -12.38
CA ILE A 37 6.97 11.04 -13.28
C ILE A 37 8.34 10.86 -13.91
N GLY A 38 8.43 10.96 -15.23
CA GLY A 38 9.74 10.90 -15.85
C GLY A 38 9.68 10.43 -17.29
N GLY A 39 10.78 9.80 -17.70
CA GLY A 39 10.94 9.31 -19.06
C GLY A 39 10.74 7.80 -19.14
N ASP A 40 11.18 7.23 -20.25
CA ASP A 40 10.95 5.80 -20.46
C ASP A 40 11.85 4.95 -19.57
N THR A 41 13.11 5.34 -19.39
CA THR A 41 14.02 4.51 -18.63
C THR A 41 14.16 4.92 -17.16
N ASP A 42 13.86 6.16 -16.80
CA ASP A 42 14.06 6.60 -15.43
C ASP A 42 12.93 7.52 -15.00
N ARG A 43 12.50 7.33 -13.75
CA ARG A 43 11.32 8.03 -13.26
C ARG A 43 11.49 8.27 -11.78
N ILE A 44 10.72 9.21 -11.26
CA ILE A 44 10.59 9.41 -9.82
C ILE A 44 9.22 8.90 -9.41
N TRP A 45 9.21 7.92 -8.50
CA TRP A 45 8.01 7.40 -7.85
C TRP A 45 7.72 8.21 -6.59
N LEU A 46 6.45 8.53 -6.42
CA LEU A 46 5.92 9.16 -5.22
C LEU A 46 4.90 8.16 -4.70
N LYS A 47 5.16 7.58 -3.54
CA LYS A 47 4.18 6.68 -2.96
C LYS A 47 3.75 7.26 -1.62
N SER A 48 2.52 6.97 -1.21
CA SER A 48 1.97 7.52 0.03
C SER A 48 0.81 6.64 0.43
N GLU A 49 0.63 6.47 1.72
CA GLU A 49 -0.15 5.36 2.22
C GLU A 49 -0.33 5.47 3.71
N GLY A 50 -1.59 5.58 4.15
CA GLY A 50 -1.86 6.11 5.49
C GLY A 50 -3.32 6.00 5.92
N GLU A 51 -3.54 6.41 7.17
CA GLU A 51 -4.82 6.29 7.87
C GLU A 51 -5.12 7.49 8.78
N ARG A 52 -6.39 7.88 8.80
CA ARG A 52 -6.88 8.92 9.69
C ARG A 52 -8.24 8.53 10.24
N SER A 53 -8.55 9.01 11.44
CA SER A 53 -9.88 8.88 11.98
C SER A 53 -10.14 10.06 12.90
N ASN A 54 -11.36 10.59 12.84
CA ASN A 54 -11.77 11.71 13.70
C ASN A 54 -10.91 12.95 13.44
N GLY A 55 -10.64 13.24 12.17
CA GLY A 55 -9.78 14.35 11.80
C GLY A 55 -8.36 14.25 12.30
N GLU A 56 -8.00 13.14 12.96
CA GLU A 56 -6.65 12.90 13.46
C GLU A 56 -6.00 11.86 12.55
N THR A 57 -4.96 12.26 11.83
CA THR A 57 -4.21 11.32 11.00
C THR A 57 -3.46 10.38 11.93
N GLU A 58 -4.00 9.18 12.13
CA GLU A 58 -3.37 8.20 13.01
C GLU A 58 -1.97 7.84 12.52
N ALA A 59 -1.79 7.68 11.22
CA ALA A 59 -0.49 7.26 10.71
C ALA A 59 -0.35 7.67 9.25
N ALA A 60 0.87 7.98 8.84
CA ALA A 60 1.09 8.29 7.43
C ALA A 60 2.48 7.80 7.05
N GLU A 61 2.63 7.43 5.78
CA GLU A 61 3.94 7.03 5.27
C GLU A 61 4.09 7.52 3.84
N ALA A 62 5.28 8.04 3.51
CA ALA A 62 5.57 8.51 2.16
C ALA A 62 6.90 7.94 1.69
N GLN A 63 7.01 7.65 0.40
CA GLN A 63 8.29 7.25 -0.18
C GLN A 63 8.55 8.10 -1.41
N LEU A 64 9.82 8.48 -1.57
CA LEU A 64 10.30 9.15 -2.77
C LEU A 64 11.42 8.31 -3.34
N LEU A 65 11.24 7.82 -4.56
CA LEU A 65 12.12 6.79 -5.09
C LEU A 65 12.55 7.12 -6.51
N TRP A 66 13.81 6.90 -6.82
CA TRP A 66 14.25 6.83 -8.21
C TRP A 66 13.97 5.42 -8.71
N GLY A 67 13.23 5.31 -9.81
CA GLY A 67 13.02 4.06 -10.50
C GLY A 67 13.76 4.01 -11.82
N HIS A 68 14.58 2.98 -11.99
CA HIS A 68 15.32 2.74 -13.22
C HIS A 68 14.82 1.44 -13.85
N ALA A 69 14.42 1.51 -15.11
CA ALA A 69 13.85 0.34 -15.76
C ALA A 69 14.90 -0.76 -15.87
N VAL A 70 14.50 -1.98 -15.54
CA VAL A 70 15.36 -3.14 -15.73
C VAL A 70 14.79 -4.12 -16.76
N GLY A 71 13.50 -4.02 -17.07
CA GLY A 71 12.88 -4.73 -18.16
C GLY A 71 11.56 -4.08 -18.48
N PRO A 72 10.77 -4.69 -19.37
CA PRO A 72 9.53 -4.03 -19.84
C PRO A 72 8.58 -3.60 -18.75
N TRP A 73 8.52 -4.32 -17.62
CA TRP A 73 7.54 -4.04 -16.58
C TRP A 73 8.16 -3.72 -15.23
N TRP A 74 9.46 -3.93 -15.08
CA TRP A 74 10.07 -3.87 -13.77
C TRP A 74 11.09 -2.73 -13.70
N ASP A 75 11.15 -2.12 -12.52
CA ASP A 75 12.09 -1.08 -12.15
C ASP A 75 12.87 -1.54 -10.93
N LEU A 76 14.16 -1.20 -10.89
CA LEU A 76 14.85 -1.10 -9.61
C LEU A 76 14.52 0.26 -9.00
N VAL A 77 14.18 0.29 -7.70
CA VAL A 77 13.84 1.55 -7.04
C VAL A 77 14.78 1.75 -5.86
N ALA A 78 15.19 2.99 -5.64
CA ALA A 78 15.99 3.33 -4.48
C ALA A 78 15.58 4.71 -4.01
N GLY A 79 15.48 4.90 -2.70
CA GLY A 79 15.12 6.23 -2.24
C GLY A 79 14.92 6.31 -0.76
N VAL A 80 13.92 7.09 -0.33
CA VAL A 80 13.69 7.40 1.06
C VAL A 80 12.23 7.11 1.41
N ARG A 81 12.01 6.56 2.61
CA ARG A 81 10.69 6.39 3.21
C ARG A 81 10.62 7.20 4.50
N GLN A 82 9.55 7.99 4.65
CA GLN A 82 9.32 8.83 5.81
C GLN A 82 8.02 8.39 6.48
N ASP A 83 8.11 7.97 7.74
CA ASP A 83 6.97 7.58 8.54
C ASP A 83 6.62 8.71 9.50
N PHE A 84 5.33 9.00 9.61
CA PHE A 84 4.80 9.99 10.54
C PHE A 84 3.78 9.30 11.45
N ARG A 85 3.88 9.54 12.75
CA ARG A 85 2.87 9.27 13.76
C ARG A 85 2.66 10.56 14.53
N PRO A 86 1.50 10.74 15.16
CA PRO A 86 1.20 12.06 15.77
C PRO A 86 2.33 12.65 16.61
N ALA A 87 3.09 11.83 17.33
CA ALA A 87 4.16 12.35 18.17
C ALA A 87 5.54 11.84 17.76
N SER A 88 5.70 11.33 16.54
CA SER A 88 6.98 10.74 16.20
C SER A 88 7.15 10.65 14.69
N ALA A 89 8.39 10.41 14.28
CA ALA A 89 8.76 10.35 12.88
C ALA A 89 9.97 9.43 12.72
N ARG A 90 10.11 8.88 11.53
CA ARG A 90 11.19 7.93 11.28
C ARG A 90 11.55 7.94 9.80
N THR A 91 12.83 7.97 9.50
CA THR A 91 13.31 7.97 8.13
C THR A 91 14.04 6.66 7.83
N TRP A 92 13.78 6.10 6.65
CA TRP A 92 14.38 4.87 6.17
C TRP A 92 15.00 5.11 4.80
N ALA A 93 16.15 4.49 4.55
CA ALA A 93 16.60 4.26 3.18
C ALA A 93 15.84 3.06 2.65
N ALA A 94 15.45 3.13 1.38
CA ALA A 94 14.62 2.11 0.75
C ALA A 94 15.32 1.63 -0.50
N VAL A 95 15.33 0.32 -0.72
CA VAL A 95 15.79 -0.23 -1.98
C VAL A 95 14.95 -1.45 -2.32
N GLY A 96 14.54 -1.57 -3.57
CA GLY A 96 13.79 -2.75 -3.95
C GLY A 96 13.52 -2.79 -5.43
N PHE A 97 12.47 -3.56 -5.77
CA PHE A 97 12.03 -3.73 -7.15
C PHE A 97 10.52 -3.57 -7.21
N GLN A 98 10.05 -2.91 -8.27
CA GLN A 98 8.67 -2.50 -8.43
C GLN A 98 8.24 -2.85 -9.85
N GLY A 99 7.20 -3.65 -9.98
CA GLY A 99 6.62 -3.96 -11.27
C GLY A 99 5.25 -3.33 -11.33
N LEU A 100 4.90 -2.79 -12.50
CA LEU A 100 3.57 -2.23 -12.69
C LEU A 100 3.18 -2.34 -14.15
N ALA A 101 1.99 -2.88 -14.40
CA ALA A 101 1.36 -2.83 -15.71
C ALA A 101 -0.12 -2.64 -15.46
N LEU A 102 -0.63 -1.43 -15.71
CA LEU A 102 -2.00 -1.09 -15.37
C LEU A 102 -2.96 -2.05 -16.07
N TYR A 103 -4.01 -2.44 -15.36
CA TYR A 103 -5.01 -3.43 -15.79
C TYR A 103 -4.44 -4.83 -15.88
N ASN A 104 -3.21 -5.04 -15.41
CA ASN A 104 -2.65 -6.38 -15.33
C ASN A 104 -2.24 -6.67 -13.89
N PHE A 105 -1.21 -6.02 -13.38
CA PHE A 105 -0.68 -6.34 -12.06
C PHE A 105 0.11 -5.17 -11.53
N GLU A 106 0.35 -5.21 -10.23
CA GLU A 106 1.42 -4.45 -9.61
C GLU A 106 2.09 -5.41 -8.64
N SER A 107 3.41 -5.29 -8.49
CA SER A 107 4.14 -6.18 -7.58
C SER A 107 5.32 -5.41 -7.01
N GLU A 108 5.63 -5.61 -5.74
CA GLU A 108 6.72 -4.86 -5.16
C GLU A 108 7.43 -5.69 -4.09
N ILE A 109 8.74 -5.51 -4.01
CA ILE A 109 9.51 -6.03 -2.88
C ILE A 109 10.50 -4.94 -2.49
N THR A 110 10.40 -4.44 -1.26
CA THR A 110 11.23 -3.31 -0.88
C THR A 110 11.80 -3.57 0.50
N GLY A 111 13.11 -3.33 0.66
CA GLY A 111 13.74 -3.34 1.97
C GLY A 111 13.99 -1.91 2.43
N PHE A 112 13.97 -1.75 3.76
CA PHE A 112 14.16 -0.44 4.40
C PHE A 112 15.16 -0.60 5.53
N VAL A 113 16.00 0.42 5.68
CA VAL A 113 17.01 0.46 6.73
C VAL A 113 16.95 1.82 7.41
N SER A 114 16.97 1.84 8.73
CA SER A 114 16.95 3.12 9.44
C SER A 114 18.02 3.13 10.51
N ASN A 115 18.08 4.22 11.27
CA ASN A 115 19.29 4.56 12.01
C ASN A 115 19.68 3.49 13.04
N GLY A 116 18.76 3.13 13.91
CA GLY A 116 19.16 2.29 15.03
C GLY A 116 19.46 0.83 14.70
N GLY A 117 20.01 0.55 13.52
CA GLY A 117 20.11 -0.83 13.07
C GLY A 117 18.78 -1.45 12.71
N LYS A 118 17.72 -0.65 12.63
CA LYS A 118 16.38 -1.12 12.27
C LYS A 118 16.30 -1.49 10.80
N ALA A 119 15.64 -2.59 10.50
CA ALA A 119 15.39 -2.97 9.12
C ALA A 119 13.96 -3.44 8.98
N ALA A 120 13.44 -3.34 7.76
CA ALA A 120 12.08 -3.78 7.48
C ALA A 120 12.02 -4.29 6.05
N LEU A 121 11.00 -5.10 5.78
CA LEU A 121 10.79 -5.61 4.43
C LEU A 121 9.29 -5.63 4.13
N ARG A 122 8.91 -5.21 2.93
CA ARG A 122 7.50 -5.22 2.52
C ARG A 122 7.38 -5.93 1.19
N LEU A 123 6.47 -6.91 1.12
CA LEU A 123 6.10 -7.60 -0.11
C LEU A 123 4.67 -7.23 -0.44
N GLY A 124 4.39 -6.93 -1.70
CA GLY A 124 3.01 -6.61 -2.03
C GLY A 124 2.69 -6.97 -3.47
N GLY A 125 1.41 -7.15 -3.74
CA GLY A 125 1.02 -7.40 -5.11
C GLY A 125 -0.47 -7.33 -5.29
N GLU A 126 -0.89 -7.05 -6.52
CA GLU A 126 -2.30 -7.09 -6.83
C GLU A 126 -2.43 -7.48 -8.28
N TYR A 127 -3.57 -8.05 -8.63
CA TYR A 127 -3.79 -8.23 -10.06
C TYR A 127 -5.26 -8.06 -10.38
N ASP A 128 -5.53 -7.70 -11.63
CA ASP A 128 -6.88 -7.38 -12.07
C ASP A 128 -7.49 -8.62 -12.71
N VAL A 129 -8.73 -8.93 -12.32
CA VAL A 129 -9.52 -9.99 -12.93
C VAL A 129 -10.72 -9.31 -13.55
N LEU A 130 -10.77 -9.26 -14.87
CA LEU A 130 -11.81 -8.50 -15.54
C LEU A 130 -13.09 -9.31 -15.59
N LEU A 131 -14.14 -8.84 -14.91
CA LEU A 131 -15.46 -9.48 -15.02
C LEU A 131 -16.20 -9.01 -16.24
N THR A 132 -16.15 -7.70 -16.50
CA THR A 132 -16.47 -7.10 -17.78
C THR A 132 -15.34 -6.12 -18.07
N ASN A 133 -15.45 -5.35 -19.14
CA ASN A 133 -14.45 -4.34 -19.43
C ASN A 133 -14.41 -3.26 -18.37
N ARG A 134 -15.45 -3.16 -17.54
CA ARG A 134 -15.53 -2.12 -16.54
C ARG A 134 -15.66 -2.63 -15.11
N LEU A 135 -16.17 -3.84 -14.90
CA LEU A 135 -16.29 -4.43 -13.57
C LEU A 135 -15.09 -5.35 -13.33
N ILE A 136 -14.27 -5.03 -12.34
CA ILE A 136 -12.95 -5.61 -12.20
C ILE A 136 -12.76 -6.02 -10.76
N LEU A 137 -12.40 -7.28 -10.55
CA LEU A 137 -12.15 -7.80 -9.20
C LEU A 137 -10.63 -7.86 -8.99
N GLN A 138 -10.15 -7.32 -7.88
CA GLN A 138 -8.73 -7.17 -7.65
C GLN A 138 -8.33 -7.82 -6.35
N PRO A 139 -7.75 -9.02 -6.39
CA PRO A 139 -7.10 -9.55 -5.19
C PRO A 139 -5.74 -8.93 -5.01
N SER A 140 -5.37 -8.81 -3.73
CA SER A 140 -4.12 -8.13 -3.38
C SER A 140 -3.58 -8.76 -2.11
N TYR A 141 -2.27 -8.62 -1.93
CA TYR A 141 -1.64 -9.02 -0.68
C TYR A 141 -0.56 -8.00 -0.31
N GLU A 142 -0.29 -7.95 0.99
CA GLU A 142 0.80 -7.16 1.55
C GLU A 142 1.32 -7.88 2.78
N VAL A 143 2.64 -7.95 2.91
CA VAL A 143 3.31 -8.64 4.00
C VAL A 143 4.39 -7.70 4.51
N ASN A 144 4.44 -7.51 5.84
CA ASN A 144 5.42 -6.63 6.45
C ASN A 144 6.21 -7.37 7.52
N PHE A 145 7.55 -7.19 7.44
CA PHE A 145 8.53 -7.69 8.40
C PHE A 145 9.27 -6.51 9.03
N TYR A 146 9.54 -6.60 10.33
CA TYR A 146 10.39 -5.61 11.01
C TYR A 146 11.38 -6.32 11.92
N SER A 147 12.61 -5.82 11.94
CA SER A 147 13.68 -6.37 12.76
C SER A 147 14.42 -5.22 13.41
N GLN A 148 14.66 -5.35 14.72
CA GLN A 148 15.35 -4.34 15.50
C GLN A 148 16.70 -4.84 16.02
N GLY A 158 10.66 -11.64 12.29
CA GLY A 158 10.12 -10.30 12.49
C GLY A 158 8.89 -10.06 11.63
N LEU A 159 8.24 -11.15 11.22
CA LEU A 159 6.98 -11.03 10.50
C LEU A 159 5.97 -10.32 11.40
N THR A 160 5.41 -9.24 10.91
CA THR A 160 4.53 -8.42 11.72
C THR A 160 3.08 -8.48 11.26
N ASP A 161 2.83 -8.39 9.95
CA ASP A 161 1.43 -8.33 9.59
C ASP A 161 1.24 -8.73 8.13
N THR A 162 0.04 -9.27 7.84
CA THR A 162 -0.37 -9.54 6.46
C THR A 162 -1.77 -8.99 6.22
N GLU A 163 -2.00 -8.52 5.00
CA GLU A 163 -3.31 -8.04 4.56
C GLU A 163 -3.63 -8.70 3.23
N LEU A 164 -4.72 -9.45 3.17
CA LEU A 164 -5.19 -10.12 1.96
C LEU A 164 -6.48 -9.46 1.53
N GLY A 165 -6.47 -8.74 0.41
CA GLY A 165 -7.62 -7.95 0.02
C GLY A 165 -8.34 -8.42 -1.23
N LEU A 166 -9.60 -8.02 -1.34
CA LEU A 166 -10.43 -8.34 -2.48
C LEU A 166 -11.28 -7.10 -2.72
N ARG A 167 -11.01 -6.39 -3.81
CA ARG A 167 -11.68 -5.13 -4.09
C ARG A 167 -12.41 -5.24 -5.43
N LEU A 168 -13.71 -4.96 -5.44
CA LEU A 168 -14.53 -5.05 -6.64
C LEU A 168 -14.86 -3.63 -7.07
N ARG A 169 -14.30 -3.19 -8.20
CA ARG A 169 -14.53 -1.83 -8.67
C ARG A 169 -15.32 -1.81 -9.97
N TYR A 170 -16.05 -0.72 -10.19
CA TYR A 170 -16.77 -0.50 -11.43
C TYR A 170 -16.22 0.77 -12.03
N GLU A 171 -15.54 0.67 -13.17
CA GLU A 171 -14.91 1.82 -13.83
C GLU A 171 -15.98 2.61 -14.57
N ILE A 172 -16.55 3.61 -13.88
CA ILE A 172 -17.48 4.56 -14.50
C ILE A 172 -16.77 5.16 -15.69
N ARG A 173 -15.77 5.95 -15.38
CA ARG A 173 -14.69 6.35 -16.24
C ARG A 173 -13.53 5.44 -15.91
N ARG A 174 -12.63 5.27 -16.88
CA ARG A 174 -11.36 4.64 -16.52
C ARG A 174 -10.66 5.41 -15.41
N GLU A 175 -10.97 6.70 -15.26
CA GLU A 175 -10.33 7.55 -14.26
C GLU A 175 -11.04 7.56 -12.91
N PHE A 176 -12.28 7.07 -12.82
CA PHE A 176 -13.04 7.04 -11.56
C PHE A 176 -13.76 5.71 -11.45
N ALA A 177 -13.35 4.91 -10.47
CA ALA A 177 -13.84 3.53 -10.33
C ALA A 177 -14.19 3.34 -8.86
N PRO A 178 -15.43 3.59 -8.48
CA PRO A 178 -15.88 3.27 -7.12
C PRO A 178 -15.80 1.78 -6.90
N TYR A 179 -15.58 1.38 -5.65
CA TYR A 179 -15.45 -0.02 -5.34
C TYR A 179 -15.89 -0.32 -3.91
N ILE A 180 -16.23 -1.58 -3.69
CA ILE A 180 -16.41 -2.12 -2.33
C ILE A 180 -15.41 -3.27 -2.18
N GLY A 181 -15.14 -3.66 -0.94
CA GLY A 181 -14.16 -4.72 -0.80
C GLY A 181 -14.07 -5.24 0.62
N VAL A 182 -13.20 -6.22 0.79
CA VAL A 182 -12.91 -6.80 2.10
C VAL A 182 -11.40 -7.06 2.18
N SER A 183 -10.86 -6.94 3.40
CA SER A 183 -9.48 -7.28 3.65
C SER A 183 -9.39 -8.18 4.88
N TRP A 184 -8.67 -9.28 4.76
CA TRP A 184 -8.37 -10.18 5.86
C TRP A 184 -6.99 -9.82 6.40
N ASN A 185 -6.94 -9.32 7.64
CA ASN A 185 -5.72 -8.77 8.22
C ASN A 185 -5.30 -9.64 9.39
N GLN A 186 -4.02 -10.00 9.43
CA GLN A 186 -3.51 -10.85 10.49
C GLN A 186 -2.21 -10.25 11.04
N LEU A 187 -2.04 -10.33 12.35
CA LEU A 187 -0.80 -9.99 13.03
C LEU A 187 -0.09 -11.27 13.46
N TYR A 188 1.21 -11.15 13.73
CA TYR A 188 2.05 -12.31 14.03
C TYR A 188 3.02 -11.97 15.15
N GLY A 189 3.43 -13.00 15.89
CA GLY A 189 4.54 -12.83 16.81
C GLY A 189 4.25 -11.78 17.87
N LYS A 190 5.24 -10.93 18.12
CA LYS A 190 5.13 -9.91 19.17
C LYS A 190 3.99 -8.94 18.91
N THR A 191 3.74 -8.61 17.63
CA THR A 191 2.64 -7.72 17.29
C THR A 191 1.29 -8.34 17.66
N SER A 192 1.17 -9.65 17.43
CA SER A 192 -0.04 -10.39 17.80
C SER A 192 -0.18 -10.46 19.33
N ASP A 193 0.93 -10.69 20.04
CA ASP A 193 0.88 -10.75 21.49
C ASP A 193 0.46 -9.40 22.10
N MET A 194 1.02 -8.29 21.59
CA MET A 194 0.59 -6.99 22.07
C MET A 194 -0.89 -6.73 21.78
N ALA A 195 -1.35 -7.05 20.56
CA ALA A 195 -2.77 -6.92 20.25
C ALA A 195 -3.63 -7.63 21.29
N LYS A 196 -3.31 -8.90 21.59
CA LYS A 196 -4.09 -9.65 22.58
C LYS A 196 -3.97 -9.03 23.98
N ARG A 197 -2.79 -8.52 24.34
CA ARG A 197 -2.61 -7.88 25.64
C ARG A 197 -3.46 -6.63 25.77
N GLU A 198 -3.74 -5.95 24.67
CA GLU A 198 -4.64 -4.80 24.70
C GLU A 198 -6.12 -5.20 24.62
N GLY A 199 -6.42 -6.48 24.87
CA GLY A 199 -7.79 -6.98 24.77
C GLY A 199 -8.36 -7.13 23.37
N GLU A 200 -7.53 -7.25 22.35
CA GLU A 200 -8.00 -7.26 20.97
C GLU A 200 -7.59 -8.56 20.28
N LYS A 201 -8.43 -9.00 19.35
CA LYS A 201 -8.05 -10.11 18.49
C LYS A 201 -6.84 -9.71 17.66
N ASP A 202 -6.01 -10.68 17.30
CA ASP A 202 -4.84 -10.43 16.47
C ASP A 202 -5.14 -10.56 14.98
N HIS A 203 -6.41 -10.51 14.61
CA HIS A 203 -6.82 -10.57 13.21
C HIS A 203 -8.15 -9.83 13.09
N GLN A 204 -8.39 -9.26 11.90
CA GLN A 204 -9.62 -8.50 11.64
C GLN A 204 -10.09 -8.78 10.22
N VAL A 205 -11.39 -8.79 10.03
CA VAL A 205 -11.97 -8.61 8.69
C VAL A 205 -12.41 -7.16 8.57
N VAL A 206 -11.85 -6.46 7.59
CA VAL A 206 -12.10 -5.02 7.39
C VAL A 206 -12.90 -4.85 6.11
N PHE A 207 -13.97 -4.07 6.20
CA PHE A 207 -14.86 -3.81 5.07
C PHE A 207 -14.54 -2.45 4.48
N LEU A 208 -14.54 -2.36 3.15
CA LEU A 208 -14.00 -1.23 2.42
C LEU A 208 -15.03 -0.63 1.47
N ALA A 209 -15.12 0.70 1.44
CA ALA A 209 -15.79 1.40 0.34
C ALA A 209 -14.90 2.55 -0.09
N GLY A 210 -14.66 2.67 -1.38
CA GLY A 210 -13.77 3.71 -1.82
C GLY A 210 -13.81 3.93 -3.32
N ALA A 211 -12.77 4.56 -3.83
CA ALA A 211 -12.65 4.74 -5.26
C ALA A 211 -11.19 4.64 -5.64
N ARG A 212 -10.98 4.10 -6.83
CA ARG A 212 -9.69 4.05 -7.49
C ARG A 212 -9.70 5.12 -8.56
N ILE A 213 -8.69 5.98 -8.54
CA ILE A 213 -8.62 7.11 -9.46
C ILE A 213 -7.23 7.12 -10.07
N TRP A 214 -7.15 7.32 -11.39
CA TRP A 214 -5.86 7.47 -12.03
C TRP A 214 -6.01 8.38 -13.24
N PHE A 215 -4.90 9.00 -13.63
CA PHE A 215 -4.86 9.84 -14.84
C PHE A 215 -3.41 10.21 -15.15
#